data_5NG7
#
_entry.id   5NG7
#
_cell.length_a   163.940
_cell.length_b   46.220
_cell.length_c   73.870
_cell.angle_alpha   90.00
_cell.angle_beta   106.94
_cell.angle_gamma   90.00
#
_symmetry.space_group_name_H-M   'C 1 2 1'
#
loop_
_entity.id
_entity.type
_entity.pdbx_description
1 polymer 'epoxide hydrolase'
2 non-polymer 'CHLORIDE ION'
3 non-polymer 1,2-ETHANEDIOL
4 non-polymer SERINE
5 non-polymer DI(HYDROXYETHYL)ETHER
6 water water
#
_entity_poly.entity_id   1
_entity_poly.type   'polypeptide(L)'
_entity_poly.pdbx_seq_one_letter_code
;MNEMLKHEYVKVNGIKMHYVTQGKGKLLLLLHGFPDFWYVWRFQIPALAKHFRVVAPDLRGYNETDKPEGVENYRLDLLA
KDILGLIKALGEEHAVVVGHDWGGIISWTLTAFNPQAVEKLVILNAPHPKAYMTRTKNSLRQLQKSWYVFFFQVANIPEK
ILSRNEFAFLKNMLIQSFVRRDLLTEEDLRIYVDAWSKSGALTSALNYYRANLNPDIIFSEKTVVFPKIKVPTLVIWGEK
DVAISKDLIVNMEDFIEAPYSIKYFPECGHWVQLEEPELVRKHIEEFILKSDIHHHHHH
;
_entity_poly.pdbx_strand_id   A,B
#
loop_
_chem_comp.id
_chem_comp.type
_chem_comp.name
_chem_comp.formula
CL non-polymer 'CHLORIDE ION' 'Cl -1'
EDO non-polymer 1,2-ETHANEDIOL 'C2 H6 O2'
PEG non-polymer DI(HYDROXYETHYL)ETHER 'C4 H10 O3'
#
# COMPACT_ATOMS: atom_id res chain seq x y z
N ASN A 2 26.96 14.54 -20.83
CA ASN A 2 27.33 15.29 -22.07
C ASN A 2 28.36 16.38 -21.80
N GLU A 3 29.02 16.81 -22.88
CA GLU A 3 29.96 17.93 -22.84
C GLU A 3 29.21 19.24 -23.06
N MET A 4 28.11 19.14 -23.83
CA MET A 4 27.29 20.31 -24.22
CA MET A 4 27.30 20.32 -24.21
C MET A 4 26.21 20.64 -23.18
N LEU A 5 26.00 19.73 -22.22
CA LEU A 5 25.04 19.96 -21.14
C LEU A 5 25.57 21.03 -20.20
N LYS A 6 24.73 21.99 -19.83
CA LYS A 6 25.08 23.11 -18.97
CA LYS A 6 25.09 23.11 -18.97
C LYS A 6 24.19 23.15 -17.72
N HIS A 7 24.79 23.38 -16.56
CA HIS A 7 24.05 23.51 -15.30
C HIS A 7 23.79 24.96 -15.00
N GLU A 8 22.59 25.28 -14.57
CA GLU A 8 22.20 26.65 -14.22
C GLU A 8 21.32 26.70 -12.99
N TYR A 9 21.26 27.88 -12.35
CA TYR A 9 20.39 28.10 -11.20
C TYR A 9 19.63 29.37 -11.44
N VAL A 10 18.36 29.37 -11.08
CA VAL A 10 17.52 30.56 -11.30
C VAL A 10 16.52 30.70 -10.19
N LYS A 11 16.22 31.93 -9.80
CA LYS A 11 15.25 32.22 -8.77
CA LYS A 11 15.24 32.22 -8.78
C LYS A 11 13.88 32.32 -9.40
N VAL A 12 12.95 31.49 -8.91
CA VAL A 12 11.55 31.42 -9.35
C VAL A 12 10.63 31.13 -8.15
N ASN A 13 9.49 31.84 -8.09
CA ASN A 13 8.45 31.53 -7.06
C ASN A 13 9.01 31.41 -5.61
N GLY A 14 9.98 32.28 -5.30
CA GLY A 14 10.60 32.36 -3.97
C GLY A 14 11.64 31.31 -3.62
N ILE A 15 11.99 30.44 -4.58
CA ILE A 15 13.02 29.41 -4.41
C ILE A 15 14.04 29.48 -5.53
N LYS A 16 15.23 28.94 -5.24
CA LYS A 16 16.25 28.81 -6.27
CA LYS A 16 16.25 28.81 -6.27
C LYS A 16 16.14 27.40 -6.86
N MET A 17 16.02 27.33 -8.19
CA MET A 17 15.87 26.06 -8.90
CA MET A 17 15.88 26.05 -8.90
C MET A 17 17.10 25.76 -9.73
N HIS A 18 17.60 24.53 -9.62
CA HIS A 18 18.64 24.05 -10.48
C HIS A 18 18.05 23.43 -11.74
N TYR A 19 18.69 23.65 -12.89
CA TYR A 19 18.33 22.89 -14.07
C TYR A 19 19.54 22.63 -14.95
N VAL A 20 19.40 21.64 -15.81
CA VAL A 20 20.35 21.43 -16.89
C VAL A 20 19.72 21.82 -18.22
N THR A 21 20.53 22.26 -19.16
CA THR A 21 20.04 22.65 -20.46
C THR A 21 20.99 22.27 -21.56
N GLN A 22 20.45 21.95 -22.72
CA GLN A 22 21.22 21.66 -23.92
C GLN A 22 20.38 21.97 -25.11
N GLY A 23 21.01 22.49 -26.15
CA GLY A 23 20.27 22.78 -27.40
C GLY A 23 19.78 24.20 -27.51
N LYS A 24 19.33 24.50 -28.73
CA LYS A 24 18.79 25.81 -29.07
CA LYS A 24 18.76 25.81 -29.06
C LYS A 24 17.51 25.58 -29.85
N GLY A 25 16.63 26.57 -29.81
CA GLY A 25 15.40 26.48 -30.57
C GLY A 25 14.21 26.48 -29.65
N LYS A 26 13.17 25.76 -30.07
CA LYS A 26 11.90 25.76 -29.36
C LYS A 26 12.11 25.21 -27.93
N LEU A 27 11.64 25.97 -26.94
CA LEU A 27 11.81 25.55 -25.53
C LEU A 27 10.96 24.36 -25.15
N LEU A 28 11.63 23.37 -24.59
CA LEU A 28 11.00 22.11 -24.16
C LEU A 28 11.46 21.83 -22.73
N LEU A 29 10.50 21.66 -21.81
CA LEU A 29 10.81 21.24 -20.45
CA LEU A 29 10.80 21.25 -20.44
C LEU A 29 10.56 19.77 -20.25
N LEU A 30 11.49 19.13 -19.54
CA LEU A 30 11.35 17.73 -19.12
C LEU A 30 11.27 17.69 -17.62
N LEU A 31 10.16 17.20 -17.05
CA LEU A 31 9.91 17.23 -15.60
C LEU A 31 9.84 15.84 -15.03
N HIS A 32 10.84 15.51 -14.20
CA HIS A 32 10.94 14.19 -13.53
C HIS A 32 9.87 14.03 -12.44
N GLY A 33 9.88 12.85 -11.83
CA GLY A 33 9.10 12.58 -10.64
C GLY A 33 9.92 11.87 -9.57
N PHE A 34 9.24 11.05 -8.78
CA PHE A 34 9.89 10.37 -7.65
C PHE A 34 10.33 8.97 -8.05
N PRO A 35 11.54 8.51 -7.64
CA PRO A 35 12.56 9.20 -6.88
C PRO A 35 13.69 9.62 -7.81
N ASP A 36 13.35 10.42 -8.80
CA ASP A 36 14.30 10.81 -9.79
C ASP A 36 14.79 12.24 -9.57
N PHE A 37 15.32 12.83 -10.62
CA PHE A 37 15.78 14.23 -10.66
C PHE A 37 16.11 14.44 -12.14
N TRP A 38 16.81 15.51 -12.50
CA TRP A 38 16.97 15.77 -13.95
C TRP A 38 17.56 14.56 -14.69
N TYR A 39 18.43 13.81 -13.98
CA TYR A 39 19.22 12.76 -14.62
C TYR A 39 18.40 11.60 -15.17
N VAL A 40 17.13 11.47 -14.79
CA VAL A 40 16.27 10.44 -15.39
C VAL A 40 16.13 10.67 -16.89
N TRP A 41 16.36 11.92 -17.32
CA TRP A 41 16.19 12.28 -18.73
C TRP A 41 17.47 12.16 -19.51
N ARG A 42 18.48 11.48 -18.92
CA ARG A 42 19.83 11.41 -19.51
C ARG A 42 19.86 10.96 -20.97
N PHE A 43 18.95 10.07 -21.36
CA PHE A 43 18.89 9.54 -22.73
CA PHE A 43 18.93 9.58 -22.74
C PHE A 43 18.22 10.57 -23.66
N GLN A 44 17.14 11.18 -23.15
CA GLN A 44 16.36 12.06 -24.00
CA GLN A 44 16.34 12.08 -23.98
C GLN A 44 16.97 13.43 -24.24
N ILE A 45 17.72 13.95 -23.26
CA ILE A 45 18.23 15.32 -23.35
C ILE A 45 19.09 15.53 -24.60
N PRO A 46 20.14 14.71 -24.82
CA PRO A 46 20.98 15.00 -26.03
C PRO A 46 20.24 14.75 -27.34
N ALA A 47 19.32 13.78 -27.36
CA ALA A 47 18.57 13.48 -28.56
C ALA A 47 17.56 14.61 -28.90
N LEU A 48 16.81 15.07 -27.90
CA LEU A 48 15.86 16.16 -28.09
C LEU A 48 16.57 17.47 -28.34
N ALA A 49 17.83 17.62 -27.88
CA ALA A 49 18.60 18.83 -28.06
C ALA A 49 19.00 19.02 -29.56
N LYS A 50 18.78 18.00 -30.38
CA LYS A 50 18.95 18.16 -31.84
C LYS A 50 17.86 19.06 -32.46
N HIS A 51 16.73 19.25 -31.76
CA HIS A 51 15.59 20.04 -32.31
C HIS A 51 15.02 21.07 -31.37
N PHE A 52 15.44 21.06 -30.09
CA PHE A 52 14.86 21.90 -29.07
C PHE A 52 15.95 22.51 -28.19
N ARG A 53 15.56 23.60 -27.52
CA ARG A 53 16.23 24.08 -26.33
CA ARG A 53 16.23 24.08 -26.33
C ARG A 53 15.62 23.30 -25.16
N VAL A 54 16.36 22.26 -24.71
CA VAL A 54 15.86 21.37 -23.66
C VAL A 54 16.25 21.92 -22.32
N VAL A 55 15.30 21.98 -21.38
CA VAL A 55 15.57 22.34 -19.97
C VAL A 55 14.97 21.23 -19.09
N ALA A 56 15.81 20.64 -18.23
CA ALA A 56 15.36 19.61 -17.31
C ALA A 56 15.69 20.09 -15.88
N PRO A 57 14.71 20.58 -15.13
CA PRO A 57 14.98 21.10 -13.78
C PRO A 57 14.91 19.98 -12.75
N ASP A 58 15.51 20.24 -11.59
CA ASP A 58 15.16 19.52 -10.38
C ASP A 58 13.99 20.20 -9.74
N LEU A 59 12.90 19.44 -9.50
CA LEU A 59 11.73 20.04 -8.84
C LEU A 59 12.01 20.47 -7.41
N ARG A 60 11.13 21.29 -6.88
CA ARG A 60 11.22 21.76 -5.49
C ARG A 60 11.48 20.56 -4.61
N GLY A 61 12.51 20.68 -3.77
CA GLY A 61 12.82 19.61 -2.82
C GLY A 61 13.85 18.61 -3.30
N TYR A 62 14.20 18.58 -4.60
CA TYR A 62 15.03 17.56 -5.15
C TYR A 62 16.42 18.02 -5.47
N ASN A 63 17.39 17.12 -5.28
CA ASN A 63 18.76 17.28 -5.75
C ASN A 63 19.36 18.67 -5.48
N GLU A 64 19.58 19.49 -6.51
CA GLU A 64 20.20 20.80 -6.32
C GLU A 64 19.27 22.00 -6.15
N THR A 65 17.96 21.76 -6.24
CA THR A 65 16.97 22.79 -6.01
C THR A 65 16.72 22.97 -4.52
N ASP A 66 16.27 24.18 -4.15
CA ASP A 66 15.96 24.49 -2.75
C ASP A 66 14.86 23.57 -2.20
N LYS A 67 14.85 23.44 -0.88
CA LYS A 67 14.07 22.46 -0.16
C LYS A 67 13.41 23.13 1.05
N PRO A 68 12.36 23.92 0.80
CA PRO A 68 11.68 24.57 1.93
C PRO A 68 11.15 23.54 2.94
N GLU A 69 11.18 23.90 4.22
CA GLU A 69 10.68 23.05 5.29
CA GLU A 69 10.68 23.01 5.26
C GLU A 69 9.16 23.11 5.33
N GLY A 70 8.53 21.97 5.67
CA GLY A 70 7.09 21.97 5.88
C GLY A 70 6.27 21.36 4.78
N VAL A 71 5.36 20.47 5.17
CA VAL A 71 4.50 19.77 4.22
CA VAL A 71 4.50 19.77 4.21
C VAL A 71 3.70 20.71 3.31
N GLU A 72 3.20 21.81 3.88
CA GLU A 72 2.43 22.79 3.17
C GLU A 72 3.15 23.45 1.96
N ASN A 73 4.48 23.40 1.99
CA ASN A 73 5.28 23.98 0.90
C ASN A 73 5.37 23.05 -0.31
N TYR A 74 4.67 21.91 -0.27
CA TYR A 74 4.72 20.94 -1.38
C TYR A 74 3.33 20.71 -1.97
N ARG A 75 2.37 21.59 -1.68
CA ARG A 75 1.05 21.54 -2.35
CA ARG A 75 1.06 21.54 -2.35
C ARG A 75 1.24 21.75 -3.85
N LEU A 76 0.45 21.03 -4.63
CA LEU A 76 0.54 21.06 -6.08
CA LEU A 76 0.52 21.04 -6.08
C LEU A 76 0.47 22.45 -6.71
N ASP A 77 -0.37 23.31 -6.15
CA ASP A 77 -0.46 24.66 -6.71
CA ASP A 77 -0.47 24.69 -6.66
C ASP A 77 0.87 25.40 -6.67
N LEU A 78 1.62 25.22 -5.59
CA LEU A 78 2.95 25.86 -5.45
C LEU A 78 3.96 25.25 -6.42
N LEU A 79 3.87 23.91 -6.58
CA LEU A 79 4.80 23.23 -7.46
C LEU A 79 4.58 23.66 -8.90
N ALA A 80 3.31 23.82 -9.32
CA ALA A 80 3.02 24.31 -10.65
C ALA A 80 3.48 25.76 -10.84
N LYS A 81 3.32 26.57 -9.81
CA LYS A 81 3.80 27.97 -9.88
C LYS A 81 5.31 28.06 -10.02
N ASP A 82 6.05 27.09 -9.46
CA ASP A 82 7.51 27.03 -9.68
C ASP A 82 7.80 26.86 -11.17
N ILE A 83 7.06 25.97 -11.84
CA ILE A 83 7.34 25.73 -13.24
C ILE A 83 6.89 26.93 -14.12
N LEU A 84 5.72 27.53 -13.77
CA LEU A 84 5.29 28.77 -14.46
C LEU A 84 6.42 29.82 -14.37
N GLY A 85 7.00 29.94 -13.18
CA GLY A 85 8.10 30.88 -12.93
C GLY A 85 9.33 30.53 -13.73
N LEU A 86 9.63 29.24 -13.86
CA LEU A 86 10.78 28.80 -14.60
C LEU A 86 10.63 29.17 -16.09
N ILE A 87 9.46 28.93 -16.65
CA ILE A 87 9.25 29.29 -18.06
C ILE A 87 9.48 30.80 -18.30
N LYS A 88 8.96 31.61 -17.39
CA LYS A 88 9.17 33.07 -17.46
CA LYS A 88 9.19 33.07 -17.47
C LYS A 88 10.67 33.40 -17.36
N ALA A 89 11.34 32.77 -16.40
CA ALA A 89 12.76 33.04 -16.15
C ALA A 89 13.64 32.66 -17.32
N LEU A 90 13.22 31.69 -18.14
CA LEU A 90 13.94 31.27 -19.32
C LEU A 90 13.70 32.19 -20.51
N GLY A 91 12.87 33.21 -20.33
CA GLY A 91 12.78 34.31 -21.33
C GLY A 91 11.76 34.06 -22.41
N GLU A 92 10.86 33.10 -22.16
CA GLU A 92 9.83 32.80 -23.16
C GLU A 92 8.45 33.03 -22.53
N GLU A 93 7.42 33.10 -23.39
CA GLU A 93 6.06 33.22 -22.93
C GLU A 93 5.43 31.86 -22.66
N HIS A 94 6.04 30.80 -23.21
CA HIS A 94 5.49 29.45 -23.08
C HIS A 94 6.60 28.43 -23.35
N ALA A 95 6.27 27.16 -23.09
CA ALA A 95 7.16 26.06 -23.39
C ALA A 95 6.35 24.85 -23.76
N VAL A 96 6.95 23.90 -24.44
CA VAL A 96 6.38 22.54 -24.53
C VAL A 96 6.74 21.88 -23.19
N VAL A 97 5.79 21.20 -22.54
CA VAL A 97 6.04 20.65 -21.22
C VAL A 97 5.82 19.16 -21.28
N VAL A 98 6.86 18.41 -20.92
CA VAL A 98 6.81 16.96 -20.85
C VAL A 98 6.97 16.56 -19.38
N GLY A 99 6.05 15.78 -18.83
CA GLY A 99 6.17 15.43 -17.40
C GLY A 99 5.91 13.97 -17.15
N HIS A 100 6.75 13.37 -16.31
CA HIS A 100 6.63 11.99 -15.88
C HIS A 100 6.27 11.93 -14.39
N ASP A 101 5.35 11.04 -13.99
CA ASP A 101 5.10 10.81 -12.55
C ASP A 101 4.69 12.15 -11.90
N TRP A 102 5.29 12.55 -10.77
CA TRP A 102 4.91 13.87 -10.22
C TRP A 102 5.12 15.00 -11.17
N GLY A 103 6.14 14.93 -12.02
CA GLY A 103 6.32 16.00 -13.01
C GLY A 103 5.14 16.07 -13.95
N GLY A 104 4.55 14.91 -14.26
CA GLY A 104 3.31 14.86 -15.06
C GLY A 104 2.11 15.43 -14.30
N ILE A 105 1.95 15.10 -13.02
CA ILE A 105 0.86 15.67 -12.24
CA ILE A 105 0.86 15.67 -12.23
C ILE A 105 0.98 17.20 -12.21
N ILE A 106 2.22 17.69 -11.98
CA ILE A 106 2.46 19.13 -12.01
C ILE A 106 2.16 19.70 -13.39
N SER A 107 2.51 18.99 -14.45
CA SER A 107 2.27 19.45 -15.83
C SER A 107 0.77 19.55 -16.13
N TRP A 108 -0.01 18.55 -15.72
CA TRP A 108 -1.49 18.66 -15.87
C TRP A 108 -1.98 19.94 -15.19
N THR A 109 -1.49 20.21 -13.98
CA THR A 109 -1.94 21.34 -13.16
C THR A 109 -1.50 22.68 -13.79
N LEU A 110 -0.24 22.77 -14.18
CA LEU A 110 0.26 23.96 -14.85
C LEU A 110 -0.58 24.23 -16.11
N THR A 111 -0.86 23.21 -16.90
CA THR A 111 -1.52 23.38 -18.18
C THR A 111 -2.99 23.80 -17.95
N ALA A 112 -3.65 23.20 -16.98
CA ALA A 112 -5.06 23.53 -16.69
C ALA A 112 -5.21 24.96 -16.26
N PHE A 113 -4.36 25.41 -15.35
CA PHE A 113 -4.57 26.74 -14.77
C PHE A 113 -3.86 27.83 -15.55
N ASN A 114 -2.87 27.50 -16.37
CA ASN A 114 -2.07 28.49 -17.09
C ASN A 114 -1.83 28.05 -18.55
N PRO A 115 -2.91 27.80 -19.32
CA PRO A 115 -2.72 27.23 -20.67
C PRO A 115 -1.86 28.09 -21.61
N GLN A 116 -1.91 29.41 -21.42
CA GLN A 116 -1.11 30.31 -22.28
C GLN A 116 0.39 30.03 -22.18
N ALA A 117 0.81 29.42 -21.06
CA ALA A 117 2.23 29.12 -20.85
C ALA A 117 2.67 27.78 -21.39
N VAL A 118 1.73 26.97 -21.89
CA VAL A 118 2.08 25.63 -22.35
C VAL A 118 1.74 25.50 -23.83
N GLU A 119 2.74 25.28 -24.68
CA GLU A 119 2.52 25.15 -26.12
C GLU A 119 1.83 23.82 -26.47
N LYS A 120 2.39 22.73 -25.94
CA LYS A 120 1.79 21.39 -26.04
CA LYS A 120 1.79 21.39 -26.04
C LYS A 120 2.18 20.65 -24.77
N LEU A 121 1.39 19.66 -24.40
CA LEU A 121 1.57 18.89 -23.17
C LEU A 121 1.81 17.46 -23.49
N VAL A 122 2.89 16.90 -22.91
CA VAL A 122 3.16 15.47 -23.02
C VAL A 122 3.20 14.91 -21.59
N ILE A 123 2.43 13.85 -21.38
CA ILE A 123 2.36 13.20 -20.06
C ILE A 123 2.87 11.78 -20.18
N LEU A 124 3.76 11.36 -19.29
CA LEU A 124 4.22 9.96 -19.23
CA LEU A 124 4.23 9.96 -19.24
C LEU A 124 3.84 9.37 -17.89
N ASN A 125 2.98 8.36 -17.91
CA ASN A 125 2.60 7.61 -16.69
CA ASN A 125 2.58 7.61 -16.71
C ASN A 125 2.31 8.52 -15.50
N ALA A 126 1.42 9.48 -15.69
CA ALA A 126 0.92 10.35 -14.64
C ALA A 126 -0.57 10.55 -14.83
N PRO A 127 -1.38 10.11 -13.85
CA PRO A 127 -2.81 10.30 -13.95
CA PRO A 127 -2.81 10.31 -14.03
C PRO A 127 -3.21 11.78 -13.85
N HIS A 128 -4.28 12.11 -14.57
CA HIS A 128 -4.91 13.43 -14.42
C HIS A 128 -5.37 13.59 -12.96
N PRO A 129 -5.11 14.76 -12.33
CA PRO A 129 -5.44 14.93 -10.92
C PRO A 129 -6.88 14.61 -10.57
N LYS A 130 -7.82 15.01 -11.41
CA LYS A 130 -9.21 14.73 -11.16
C LYS A 130 -9.49 13.22 -11.26
N ALA A 131 -8.85 12.50 -12.20
CA ALA A 131 -8.98 11.05 -12.29
C ALA A 131 -8.45 10.36 -11.01
N TYR A 132 -7.23 10.72 -10.56
CA TYR A 132 -6.71 10.07 -9.34
CA TYR A 132 -6.74 10.06 -9.36
C TYR A 132 -7.58 10.39 -8.14
N MET A 133 -8.01 11.65 -8.02
CA MET A 133 -8.79 12.09 -6.85
CA MET A 133 -8.80 12.08 -6.86
C MET A 133 -10.17 11.44 -6.80
N THR A 134 -10.81 11.29 -7.95
CA THR A 134 -12.15 10.74 -7.98
CA THR A 134 -12.15 10.73 -7.94
C THR A 134 -12.11 9.21 -7.86
N ARG A 135 -11.17 8.60 -8.58
CA ARG A 135 -11.24 7.18 -8.81
C ARG A 135 -10.51 6.28 -7.81
N THR A 136 -9.44 6.76 -7.18
CA THR A 136 -8.59 5.89 -6.36
C THR A 136 -9.38 5.15 -5.26
N LYS A 137 -10.21 5.91 -4.54
CA LYS A 137 -10.94 5.37 -3.41
C LYS A 137 -11.89 4.24 -3.82
N ASN A 138 -12.24 4.20 -5.10
CA ASN A 138 -13.17 3.18 -5.62
C ASN A 138 -12.47 2.08 -6.41
N SER A 139 -11.15 2.06 -6.37
CA SER A 139 -10.38 1.10 -7.13
C SER A 139 -9.47 0.35 -6.18
N LEU A 140 -9.84 -0.88 -5.82
CA LEU A 140 -8.99 -1.72 -4.99
C LEU A 140 -7.60 -1.88 -5.64
N ARG A 141 -7.53 -2.04 -6.96
CA ARG A 141 -6.25 -2.24 -7.64
CA ARG A 141 -6.22 -2.24 -7.58
C ARG A 141 -5.35 -1.01 -7.45
N GLN A 142 -5.96 0.19 -7.56
CA GLN A 142 -5.15 1.39 -7.35
C GLN A 142 -4.74 1.54 -5.89
N LEU A 143 -5.64 1.29 -4.95
CA LEU A 143 -5.29 1.39 -3.54
C LEU A 143 -4.11 0.44 -3.21
N GLN A 144 -4.15 -0.79 -3.74
CA GLN A 144 -3.06 -1.73 -3.56
C GLN A 144 -1.75 -1.21 -4.15
N LYS A 145 -1.82 -0.73 -5.41
CA LYS A 145 -0.62 -0.18 -6.00
C LYS A 145 -0.08 1.01 -5.24
N SER A 146 -0.96 1.76 -4.58
CA SER A 146 -0.57 2.93 -3.80
C SER A 146 -0.23 2.62 -2.36
N TRP A 147 0.11 1.36 -2.04
CA TRP A 147 0.60 1.02 -0.68
C TRP A 147 1.65 2.02 -0.21
N TYR A 148 2.56 2.39 -1.09
CA TYR A 148 3.70 3.20 -0.65
C TYR A 148 3.28 4.63 -0.37
N VAL A 149 2.21 5.10 -1.03
CA VAL A 149 1.66 6.44 -0.74
C VAL A 149 1.21 6.49 0.73
N PHE A 150 0.55 5.41 1.20
CA PHE A 150 0.16 5.35 2.59
C PHE A 150 1.36 5.23 3.52
N PHE A 151 2.33 4.39 3.15
CA PHE A 151 3.58 4.26 3.93
C PHE A 151 4.22 5.64 4.15
N PHE A 152 4.31 6.43 3.08
CA PHE A 152 5.02 7.69 3.15
C PHE A 152 4.34 8.72 4.02
N GLN A 153 3.08 8.50 4.42
CA GLN A 153 2.40 9.46 5.29
C GLN A 153 2.99 9.54 6.69
N VAL A 154 3.58 8.47 7.19
CA VAL A 154 4.17 8.44 8.54
C VAL A 154 5.35 9.41 8.64
N ALA A 155 5.45 10.20 9.71
CA ALA A 155 6.65 11.07 9.92
C ALA A 155 7.89 10.27 10.25
N ASN A 156 9.02 10.69 9.69
CA ASN A 156 10.39 10.22 10.04
C ASN A 156 10.78 8.81 9.70
N ILE A 157 9.90 7.85 9.96
CA ILE A 157 10.23 6.44 9.78
CA ILE A 157 10.24 6.44 9.77
C ILE A 157 10.51 6.13 8.29
N PRO A 158 9.67 6.65 7.36
CA PRO A 158 9.95 6.28 5.96
C PRO A 158 11.30 6.85 5.49
N GLU A 159 11.64 8.06 5.90
CA GLU A 159 12.97 8.62 5.60
C GLU A 159 14.10 7.72 6.08
N LYS A 160 13.96 7.21 7.31
CA LYS A 160 14.97 6.33 7.88
C LYS A 160 15.09 5.03 7.09
N ILE A 161 13.95 4.39 6.83
CA ILE A 161 13.94 3.13 6.11
C ILE A 161 14.43 3.26 4.66
N LEU A 162 14.00 4.33 3.98
CA LEU A 162 14.42 4.50 2.59
C LEU A 162 15.92 4.77 2.44
N SER A 163 16.47 5.49 3.42
CA SER A 163 17.87 5.95 3.30
CA SER A 163 17.87 5.97 3.33
C SER A 163 18.89 4.94 3.84
N ARG A 164 18.44 4.03 4.72
CA ARG A 164 19.40 3.13 5.36
CA ARG A 164 19.39 3.11 5.37
C ARG A 164 20.17 2.25 4.37
N ASN A 165 21.43 1.94 4.73
CA ASN A 165 22.30 1.06 3.91
C ASN A 165 22.39 1.56 2.46
N GLU A 166 22.82 2.81 2.34
CA GLU A 166 22.95 3.49 1.05
CA GLU A 166 22.96 3.49 1.04
C GLU A 166 21.71 3.30 0.17
N PHE A 167 20.55 3.62 0.75
CA PHE A 167 19.27 3.62 0.02
CA PHE A 167 19.26 3.61 0.02
C PHE A 167 18.91 2.25 -0.55
N ALA A 168 19.25 1.18 0.17
CA ALA A 168 18.97 -0.17 -0.28
C ALA A 168 17.49 -0.40 -0.69
N PHE A 169 16.56 0.09 0.17
CA PHE A 169 15.09 0.05 -0.06
CA PHE A 169 15.15 -0.07 -0.09
C PHE A 169 14.70 0.64 -1.39
N LEU A 170 15.15 1.88 -1.60
CA LEU A 170 14.76 2.66 -2.78
CA LEU A 170 14.76 2.64 -2.75
C LEU A 170 15.28 2.01 -4.05
N LYS A 171 16.51 1.50 -4.00
CA LYS A 171 17.10 0.79 -5.13
C LYS A 171 16.25 -0.42 -5.47
N ASN A 172 15.83 -1.16 -4.43
CA ASN A 172 14.97 -2.31 -4.60
C ASN A 172 13.58 -1.92 -5.23
N MET A 173 12.98 -0.86 -4.67
CA MET A 173 11.69 -0.33 -5.14
CA MET A 173 11.68 -0.43 -5.14
C MET A 173 11.71 -0.05 -6.64
N LEU A 174 12.77 0.63 -7.07
CA LEU A 174 13.00 0.95 -8.48
C LEU A 174 13.14 -0.29 -9.33
N ILE A 175 14.07 -1.18 -8.96
CA ILE A 175 14.27 -2.46 -9.68
C ILE A 175 12.98 -3.25 -9.85
N GLN A 176 12.19 -3.38 -8.79
CA GLN A 176 10.92 -4.11 -8.83
CA GLN A 176 10.91 -4.10 -8.83
C GLN A 176 9.90 -3.43 -9.78
N SER A 177 10.13 -2.15 -10.07
CA SER A 177 9.26 -1.39 -10.96
C SER A 177 9.67 -1.43 -12.41
N PHE A 178 10.93 -1.80 -12.69
CA PHE A 178 11.45 -1.84 -14.07
C PHE A 178 11.06 -3.12 -14.80
N VAL A 179 10.76 -3.05 -16.09
CA VAL A 179 10.53 -4.27 -16.91
C VAL A 179 11.65 -4.47 -17.94
N ARG A 180 12.78 -3.81 -17.73
CA ARG A 180 14.02 -4.03 -18.50
C ARG A 180 15.13 -4.13 -17.51
N ARG A 181 16.17 -4.90 -17.89
CA ARG A 181 17.41 -4.97 -17.07
C ARG A 181 18.39 -3.83 -17.31
N ASP A 182 19.25 -3.60 -16.31
CA ASP A 182 20.37 -2.64 -16.43
CA ASP A 182 20.36 -2.63 -16.36
C ASP A 182 19.96 -1.23 -16.86
N LEU A 183 18.83 -0.77 -16.33
CA LEU A 183 18.44 0.64 -16.56
C LEU A 183 19.31 1.55 -15.71
N LEU A 184 19.67 1.04 -14.53
CA LEU A 184 20.64 1.67 -13.63
C LEU A 184 21.91 0.86 -13.67
N THR A 185 22.98 1.50 -14.11
CA THR A 185 24.32 0.88 -14.07
C THR A 185 24.93 1.24 -12.72
N GLU A 186 26.09 0.68 -12.39
CA GLU A 186 26.77 1.04 -11.15
CA GLU A 186 26.78 1.05 -11.16
C GLU A 186 27.08 2.54 -11.13
N GLU A 187 27.48 3.11 -12.27
CA GLU A 187 27.75 4.54 -12.37
CA GLU A 187 27.74 4.53 -12.34
C GLU A 187 26.46 5.33 -12.07
N ASP A 188 25.36 4.91 -12.68
CA ASP A 188 24.06 5.59 -12.45
C ASP A 188 23.70 5.53 -10.98
N LEU A 189 23.89 4.35 -10.35
CA LEU A 189 23.54 4.21 -8.93
C LEU A 189 24.31 5.14 -8.03
N ARG A 190 25.60 5.35 -8.31
CA ARG A 190 26.40 6.30 -7.54
C ARG A 190 25.80 7.71 -7.65
N ILE A 191 25.43 8.09 -8.88
CA ILE A 191 24.86 9.39 -9.14
C ILE A 191 23.49 9.54 -8.45
N TYR A 192 22.66 8.48 -8.52
CA TYR A 192 21.38 8.50 -7.82
C TYR A 192 21.55 8.67 -6.32
N VAL A 193 22.46 7.89 -5.73
CA VAL A 193 22.67 7.98 -4.28
C VAL A 193 23.12 9.39 -3.86
N ASP A 194 23.99 10.02 -4.66
CA ASP A 194 24.38 11.39 -4.37
CA ASP A 194 24.40 11.39 -4.38
C ASP A 194 23.20 12.35 -4.31
N ALA A 195 22.27 12.23 -5.28
CA ALA A 195 21.10 13.10 -5.30
C ALA A 195 20.15 12.77 -4.15
N TRP A 196 19.99 11.48 -3.88
CA TRP A 196 19.10 11.07 -2.81
C TRP A 196 19.56 11.54 -1.44
N SER A 197 20.89 11.64 -1.29
CA SER A 197 21.51 11.90 -0.01
C SER A 197 21.56 13.36 0.34
N LYS A 198 21.17 14.25 -0.59
CA LYS A 198 21.19 15.69 -0.32
CA LYS A 198 21.19 15.69 -0.32
C LYS A 198 20.35 16.01 0.91
N SER A 199 20.87 16.86 1.78
CA SER A 199 20.20 17.20 3.04
C SER A 199 18.79 17.73 2.79
N GLY A 200 17.82 17.06 3.41
CA GLY A 200 16.41 17.42 3.32
C GLY A 200 15.70 16.90 2.08
N ALA A 201 16.42 16.30 1.14
CA ALA A 201 15.80 15.91 -0.16
C ALA A 201 14.77 14.82 0.03
N LEU A 202 15.07 13.82 0.86
CA LEU A 202 14.12 12.74 1.03
C LEU A 202 12.83 13.18 1.67
N THR A 203 12.92 13.93 2.76
CA THR A 203 11.74 14.48 3.39
C THR A 203 10.92 15.33 2.42
N SER A 204 11.58 16.22 1.67
CA SER A 204 10.87 17.07 0.74
C SER A 204 10.14 16.25 -0.34
N ALA A 205 10.81 15.22 -0.87
CA ALA A 205 10.17 14.35 -1.90
C ALA A 205 8.97 13.66 -1.29
N LEU A 206 9.10 13.14 -0.07
CA LEU A 206 7.96 12.49 0.58
CA LEU A 206 7.96 12.48 0.57
C LEU A 206 6.83 13.45 0.89
N ASN A 207 7.17 14.71 1.13
CA ASN A 207 6.13 15.71 1.37
C ASN A 207 5.18 15.91 0.21
N TYR A 208 5.57 15.55 -1.01
CA TYR A 208 4.58 15.64 -2.11
C TYR A 208 3.36 14.74 -1.81
N TYR A 209 3.66 13.55 -1.28
CA TYR A 209 2.63 12.56 -0.96
C TYR A 209 1.84 12.98 0.27
N ARG A 210 2.54 13.52 1.28
CA ARG A 210 1.87 14.03 2.49
C ARG A 210 0.97 15.21 2.21
N ALA A 211 1.39 16.09 1.30
CA ALA A 211 0.59 17.29 1.02
C ALA A 211 -0.57 17.07 0.10
N ASN A 212 -0.41 16.15 -0.85
CA ASN A 212 -1.36 16.03 -1.93
C ASN A 212 -2.11 14.71 -1.98
N LEU A 213 -1.63 13.70 -1.26
CA LEU A 213 -2.22 12.35 -1.36
C LEU A 213 -2.36 11.72 -0.01
N ASN A 214 -2.64 12.54 1.00
CA ASN A 214 -2.89 11.98 2.34
C ASN A 214 -4.27 11.27 2.35
N PRO A 215 -4.54 10.47 3.39
CA PRO A 215 -5.78 9.67 3.32
C PRO A 215 -7.06 10.49 3.29
N ASP A 216 -7.04 11.67 3.91
CA ASP A 216 -8.21 12.53 3.83
C ASP A 216 -8.51 12.94 2.40
N ILE A 217 -7.45 13.24 1.62
CA ILE A 217 -7.63 13.60 0.24
C ILE A 217 -8.07 12.38 -0.58
N ILE A 218 -7.43 11.23 -0.37
CA ILE A 218 -7.80 10.05 -1.15
C ILE A 218 -9.26 9.66 -0.91
N PHE A 219 -9.69 9.70 0.35
CA PHE A 219 -11.03 9.22 0.67
C PHE A 219 -12.11 10.28 0.73
N SER A 220 -11.77 11.52 0.42
CA SER A 220 -12.74 12.63 0.40
C SER A 220 -13.90 12.36 -0.54
N GLU A 221 -15.08 12.69 -0.03
CA GLU A 221 -16.34 12.54 -0.77
CA GLU A 221 -16.34 12.54 -0.79
C GLU A 221 -16.72 13.83 -1.52
N LYS A 222 -15.73 14.69 -1.76
CA LYS A 222 -15.94 15.87 -2.60
C LYS A 222 -15.41 15.66 -4.02
N THR A 223 -16.11 16.23 -5.00
CA THR A 223 -15.52 16.34 -6.35
C THR A 223 -14.63 17.58 -6.39
N VAL A 224 -13.53 17.49 -7.13
CA VAL A 224 -12.57 18.59 -7.21
C VAL A 224 -12.89 19.46 -8.44
N VAL A 225 -12.58 20.74 -8.33
CA VAL A 225 -12.71 21.63 -9.47
C VAL A 225 -11.36 21.61 -10.18
N PHE A 226 -11.38 21.41 -11.48
CA PHE A 226 -10.16 21.41 -12.25
CA PHE A 226 -10.17 21.40 -12.26
C PHE A 226 -10.49 21.86 -13.68
N PRO A 227 -9.84 22.94 -14.18
CA PRO A 227 -10.15 23.41 -15.54
C PRO A 227 -9.87 22.41 -16.63
N LYS A 228 -10.60 22.49 -17.71
CA LYS A 228 -10.35 21.66 -18.87
CA LYS A 228 -10.36 21.65 -18.88
C LYS A 228 -9.01 21.98 -19.51
N ILE A 229 -8.38 20.97 -20.07
CA ILE A 229 -7.11 21.14 -20.78
C ILE A 229 -7.37 21.68 -22.17
N LYS A 230 -6.76 22.81 -22.49
CA LYS A 230 -6.98 23.54 -23.74
C LYS A 230 -5.79 23.58 -24.66
N VAL A 231 -4.79 22.71 -24.40
CA VAL A 231 -3.67 22.57 -25.28
C VAL A 231 -3.57 21.15 -25.78
N PRO A 232 -3.07 20.97 -27.02
CA PRO A 232 -2.94 19.62 -27.56
C PRO A 232 -2.11 18.76 -26.58
N THR A 233 -2.59 17.54 -26.32
CA THR A 233 -2.00 16.71 -25.27
C THR A 233 -1.71 15.33 -25.81
N LEU A 234 -0.53 14.80 -25.47
CA LEU A 234 -0.15 13.44 -25.80
C LEU A 234 0.08 12.73 -24.49
N VAL A 235 -0.58 11.62 -24.29
CA VAL A 235 -0.30 10.77 -23.11
C VAL A 235 0.42 9.52 -23.58
N ILE A 236 1.55 9.21 -22.94
CA ILE A 236 2.33 7.97 -23.19
C ILE A 236 2.17 7.15 -21.94
N TRP A 237 1.76 5.90 -22.09
CA TRP A 237 1.42 5.08 -20.97
CA TRP A 237 1.42 5.07 -20.95
C TRP A 237 2.00 3.67 -21.06
N GLY A 238 2.97 3.38 -20.20
CA GLY A 238 3.51 2.01 -20.05
C GLY A 238 2.51 1.20 -19.26
N GLU A 239 1.95 0.14 -19.84
CA GLU A 239 0.85 -0.61 -19.24
CA GLU A 239 0.84 -0.61 -19.24
C GLU A 239 1.18 -1.47 -18.02
N LYS A 240 2.43 -1.90 -17.92
CA LYS A 240 2.89 -2.75 -16.81
CA LYS A 240 2.89 -2.75 -16.81
C LYS A 240 3.38 -1.89 -15.66
N ASP A 241 2.66 -0.81 -15.39
CA ASP A 241 3.00 0.14 -14.35
C ASP A 241 2.63 -0.41 -12.98
N VAL A 242 3.64 -0.64 -12.13
CA VAL A 242 3.36 -1.21 -10.77
C VAL A 242 2.73 -0.19 -9.82
N ALA A 243 2.75 1.09 -10.20
CA ALA A 243 2.31 2.19 -9.31
C ALA A 243 0.91 2.73 -9.71
N ILE A 244 0.52 2.56 -10.98
CA ILE A 244 -0.72 3.20 -11.48
CA ILE A 244 -0.71 3.20 -11.46
C ILE A 244 -1.52 2.17 -12.25
N SER A 245 -2.79 2.02 -11.86
CA SER A 245 -3.72 1.19 -12.59
CA SER A 245 -3.72 1.19 -12.59
C SER A 245 -4.22 1.89 -13.84
N LYS A 246 -4.40 1.11 -14.89
CA LYS A 246 -5.07 1.60 -16.10
CA LYS A 246 -5.14 1.50 -16.11
C LYS A 246 -6.45 2.21 -15.83
N ASP A 247 -7.13 1.83 -14.73
CA ASP A 247 -8.36 2.48 -14.20
C ASP A 247 -8.22 4.00 -14.16
N LEU A 248 -7.00 4.49 -13.93
CA LEU A 248 -6.81 5.91 -13.75
C LEU A 248 -6.51 6.69 -15.05
N ILE A 249 -6.29 5.98 -16.16
CA ILE A 249 -5.85 6.52 -17.43
CA ILE A 249 -5.93 6.72 -17.39
C ILE A 249 -6.99 6.63 -18.47
N VAL A 250 -7.83 5.62 -18.42
CA VAL A 250 -8.92 5.54 -19.35
C VAL A 250 -9.93 6.68 -19.18
N ASN A 251 -10.62 6.94 -20.29
CA ASN A 251 -11.78 7.84 -20.26
CA ASN A 251 -11.79 7.84 -20.25
C ASN A 251 -11.44 9.29 -19.82
N MET A 252 -10.77 10.03 -20.69
CA MET A 252 -10.38 11.39 -20.39
CA MET A 252 -10.32 11.39 -20.37
C MET A 252 -11.38 12.46 -20.78
N GLU A 253 -12.55 12.06 -21.25
N GLU A 253 -12.48 12.07 -21.41
CA GLU A 253 -13.40 12.92 -22.10
CA GLU A 253 -13.46 13.03 -22.00
C GLU A 253 -13.86 14.22 -21.50
C GLU A 253 -14.04 14.07 -21.03
N ASP A 254 -14.18 14.27 -20.19
N ASP A 254 -14.05 15.35 -21.42
CA ASP A 254 -14.51 15.54 -19.64
CA ASP A 254 -14.35 16.41 -20.47
C ASP A 254 -13.29 16.49 -19.65
C ASP A 254 -13.29 16.52 -19.36
N PHE A 255 -12.11 15.90 -19.54
CA PHE A 255 -10.92 16.57 -18.98
C PHE A 255 -10.17 17.40 -19.98
N ILE A 256 -10.23 16.99 -21.24
CA ILE A 256 -9.42 17.60 -22.31
C ILE A 256 -10.31 18.12 -23.43
N GLU A 257 -10.21 19.41 -23.72
N GLU A 257 -10.23 19.44 -23.63
CA GLU A 257 -10.97 19.97 -24.89
CA GLU A 257 -11.03 20.19 -24.61
C GLU A 257 -10.22 19.93 -26.24
C GLU A 257 -10.06 20.72 -25.65
N ALA A 258 -8.94 20.18 -26.13
N ALA A 258 -9.18 19.85 -26.14
CA ALA A 258 -8.08 20.25 -27.24
CA ALA A 258 -8.21 20.16 -27.19
C ALA A 258 -7.87 18.83 -27.76
C ALA A 258 -7.92 18.79 -27.77
N PRO A 259 -7.25 18.71 -28.92
CA PRO A 259 -6.90 17.41 -29.45
C PRO A 259 -6.06 16.61 -28.45
N TYR A 260 -6.39 15.33 -28.34
CA TYR A 260 -5.75 14.40 -27.40
CA TYR A 260 -5.56 14.45 -27.57
C TYR A 260 -5.40 13.10 -28.11
N SER A 261 -4.24 12.56 -27.78
CA SER A 261 -3.80 11.26 -28.28
CA SER A 261 -3.82 11.26 -28.26
C SER A 261 -3.22 10.47 -27.10
N ILE A 262 -3.53 9.19 -27.08
CA ILE A 262 -2.87 8.29 -26.13
C ILE A 262 -2.10 7.17 -26.83
N LYS A 263 -0.84 6.99 -26.41
CA LYS A 263 0.01 5.93 -26.94
C LYS A 263 0.30 4.97 -25.79
N TYR A 264 -0.25 3.76 -25.89
CA TYR A 264 0.00 2.72 -24.90
C TYR A 264 1.22 1.91 -25.29
N PHE A 265 2.03 1.59 -24.29
CA PHE A 265 3.21 0.74 -24.44
C PHE A 265 2.96 -0.53 -23.64
N PRO A 266 2.42 -1.57 -24.29
CA PRO A 266 1.94 -2.74 -23.54
C PRO A 266 3.02 -3.49 -22.78
N GLU A 267 4.29 -3.36 -23.20
CA GLU A 267 5.37 -4.11 -22.59
C GLU A 267 6.34 -3.23 -21.82
N CYS A 268 5.90 -2.00 -21.47
CA CYS A 268 6.70 -1.14 -20.62
C CYS A 268 5.95 -0.85 -19.35
N GLY A 269 6.69 -0.41 -18.33
CA GLY A 269 6.12 -0.05 -17.04
C GLY A 269 6.20 1.44 -16.81
N HIS A 270 6.31 1.78 -15.53
CA HIS A 270 6.20 3.17 -15.11
C HIS A 270 7.28 4.05 -15.74
N TRP A 271 8.49 3.50 -15.89
CA TRP A 271 9.63 4.22 -16.46
C TRP A 271 9.76 4.01 -17.97
N VAL A 272 8.69 4.28 -18.66
CA VAL A 272 8.58 4.07 -20.12
C VAL A 272 9.69 4.80 -20.87
N GLN A 273 10.13 5.97 -20.39
CA GLN A 273 11.15 6.74 -21.10
C GLN A 273 12.53 6.06 -21.01
N LEU A 274 12.72 5.15 -20.03
CA LEU A 274 13.99 4.40 -19.93
C LEU A 274 13.89 3.09 -20.69
N GLU A 275 12.68 2.57 -20.84
CA GLU A 275 12.48 1.21 -21.40
C GLU A 275 12.35 1.18 -22.92
N GLU A 276 11.70 2.20 -23.49
CA GLU A 276 11.65 2.37 -24.95
C GLU A 276 12.07 3.81 -25.27
N PRO A 277 13.34 4.16 -25.01
CA PRO A 277 13.70 5.57 -25.11
C PRO A 277 13.54 6.16 -26.52
N GLU A 278 13.84 5.38 -27.57
CA GLU A 278 13.73 5.87 -28.94
CA GLU A 278 13.72 5.88 -28.92
C GLU A 278 12.27 6.02 -29.38
N LEU A 279 11.41 5.04 -29.10
CA LEU A 279 9.99 5.14 -29.47
C LEU A 279 9.31 6.31 -28.74
N VAL A 280 9.65 6.48 -27.46
CA VAL A 280 9.11 7.60 -26.68
C VAL A 280 9.55 8.96 -27.31
N ARG A 281 10.83 9.05 -27.64
CA ARG A 281 11.37 10.28 -28.24
CA ARG A 281 11.36 10.27 -28.25
C ARG A 281 10.68 10.54 -29.60
N LYS A 282 10.53 9.48 -30.40
CA LYS A 282 9.88 9.61 -31.69
CA LYS A 282 9.88 9.59 -31.71
C LYS A 282 8.44 10.09 -31.59
N HIS A 283 7.67 9.57 -30.61
CA HIS A 283 6.30 10.03 -30.46
C HIS A 283 6.28 11.47 -30.03
N ILE A 284 7.21 11.87 -29.16
CA ILE A 284 7.29 13.27 -28.73
C ILE A 284 7.59 14.20 -29.92
N GLU A 285 8.62 13.88 -30.68
CA GLU A 285 9.03 14.68 -31.83
C GLU A 285 7.93 14.80 -32.86
N GLU A 286 7.26 13.69 -33.17
CA GLU A 286 6.16 13.68 -34.13
CA GLU A 286 6.16 13.68 -34.13
C GLU A 286 5.01 14.57 -33.66
N PHE A 287 4.63 14.42 -32.39
CA PHE A 287 3.53 15.19 -31.85
C PHE A 287 3.84 16.68 -31.83
N ILE A 288 5.07 17.02 -31.44
CA ILE A 288 5.42 18.43 -31.28
CA ILE A 288 5.41 18.43 -31.28
C ILE A 288 5.70 19.12 -32.60
N LEU A 289 6.44 18.48 -33.48
CA LEU A 289 7.03 19.18 -34.67
C LEU A 289 6.50 18.69 -35.99
N LYS A 290 5.78 17.58 -36.00
CA LYS A 290 5.17 17.02 -37.25
C LYS A 290 3.64 16.88 -37.01
N SER A 291 3.09 17.90 -36.36
CA SER A 291 1.68 17.98 -35.93
C SER A 291 0.61 17.98 -37.06
N ASP A 292 -0.65 17.91 -36.64
CA ASP A 292 -1.83 18.15 -37.50
C ASP A 292 -2.23 19.65 -37.46
N ILE A 293 -3.54 19.93 -37.50
CA ILE A 293 -4.07 21.29 -37.35
C ILE A 293 -3.97 21.70 -35.87
N ASN B 2 -27.36 -20.44 18.22
CA ASN B 2 -27.76 -21.72 18.87
C ASN B 2 -28.53 -21.48 20.17
N GLU B 3 -29.23 -22.52 20.62
CA GLU B 3 -29.91 -22.53 21.92
CA GLU B 3 -29.90 -22.52 21.92
C GLU B 3 -28.92 -22.97 23.01
N MET B 4 -27.97 -23.83 22.61
CA MET B 4 -26.99 -24.43 23.51
CA MET B 4 -27.00 -24.44 23.52
C MET B 4 -25.72 -23.58 23.68
N LEU B 5 -25.60 -22.53 22.87
CA LEU B 5 -24.46 -21.61 22.95
C LEU B 5 -24.63 -20.78 24.23
N LYS B 6 -23.54 -20.64 25.00
CA LYS B 6 -23.55 -19.90 26.25
CA LYS B 6 -23.53 -19.91 26.25
C LYS B 6 -22.52 -18.76 26.20
N HIS B 7 -22.91 -17.59 26.68
CA HIS B 7 -22.02 -16.43 26.79
C HIS B 7 -21.43 -16.40 28.18
N GLU B 8 -20.14 -16.15 28.25
CA GLU B 8 -19.41 -16.10 29.53
C GLU B 8 -18.38 -15.00 29.55
N TYR B 9 -17.99 -14.55 30.73
CA TYR B 9 -16.94 -13.57 30.91
C TYR B 9 -16.00 -14.11 31.94
N VAL B 10 -14.71 -13.94 31.70
CA VAL B 10 -13.72 -14.45 32.65
C VAL B 10 -12.54 -13.49 32.72
N LYS B 11 -11.95 -13.39 33.91
CA LYS B 11 -10.76 -12.55 34.10
CA LYS B 11 -10.77 -12.56 34.13
C LYS B 11 -9.51 -13.33 33.72
N VAL B 12 -8.69 -12.71 32.85
N VAL B 12 -8.75 -12.73 32.81
CA VAL B 12 -7.38 -13.25 32.38
CA VAL B 12 -7.49 -13.26 32.41
C VAL B 12 -6.35 -12.11 32.08
C VAL B 12 -6.50 -12.17 32.83
N ASN B 13 -5.08 -12.27 32.46
N ASN B 13 -5.72 -12.46 33.88
CA ASN B 13 -4.01 -11.29 32.07
CA ASN B 13 -4.81 -11.46 34.41
C ASN B 13 -4.38 -9.80 32.32
C ASN B 13 -5.57 -10.14 34.55
N GLY B 14 -5.08 -9.56 33.44
N GLY B 14 -5.10 -9.14 33.83
CA GLY B 14 -5.50 -8.23 33.87
CA GLY B 14 -5.63 -7.82 33.98
C GLY B 14 -6.69 -7.59 33.16
C GLY B 14 -6.96 -7.55 33.29
N ILE B 15 -7.35 -8.36 32.30
CA ILE B 15 -8.53 -7.94 31.52
C ILE B 15 -9.65 -8.94 31.68
N LYS B 16 -10.88 -8.47 31.44
CA LYS B 16 -12.02 -9.36 31.39
C LYS B 16 -12.28 -9.74 29.91
N MET B 17 -12.37 -11.02 29.64
CA MET B 17 -12.62 -11.51 28.28
CA MET B 17 -12.61 -11.50 28.29
C MET B 17 -14.00 -12.12 28.17
N HIS B 18 -14.73 -11.74 27.12
CA HIS B 18 -15.99 -12.38 26.79
C HIS B 18 -15.71 -13.58 25.88
N TYR B 19 -16.46 -14.65 26.03
CA TYR B 19 -16.42 -15.74 25.08
C TYR B 19 -17.76 -16.44 24.96
N VAL B 20 -17.93 -17.20 23.89
CA VAL B 20 -19.05 -18.12 23.80
C VAL B 20 -18.53 -19.55 23.88
N THR B 21 -19.37 -20.45 24.38
CA THR B 21 -18.94 -21.83 24.50
C THR B 21 -20.09 -22.78 24.25
N GLN B 22 -19.74 -23.94 23.72
CA GLN B 22 -20.69 -25.05 23.59
C GLN B 22 -19.89 -26.32 23.61
N GLY B 23 -20.47 -27.38 24.15
CA GLY B 23 -19.77 -28.65 24.15
C GLY B 23 -19.05 -29.02 25.42
N LYS B 24 -18.68 -30.30 25.50
CA LYS B 24 -17.91 -30.82 26.60
C LYS B 24 -16.79 -31.68 26.03
N GLY B 25 -15.75 -31.79 26.81
CA GLY B 25 -14.62 -32.62 26.44
C GLY B 25 -13.37 -31.80 26.27
N LYS B 26 -12.54 -32.24 25.34
CA LYS B 26 -11.25 -31.60 25.11
CA LYS B 26 -11.24 -31.59 25.06
C LYS B 26 -11.47 -30.14 24.69
N LEU B 27 -10.74 -29.24 25.33
CA LEU B 27 -10.83 -27.80 25.05
C LEU B 27 -10.25 -27.44 23.69
N LEU B 28 -11.08 -26.75 22.92
CA LEU B 28 -10.72 -26.31 21.57
C LEU B 28 -11.03 -24.81 21.54
N LEU B 29 -10.00 -24.01 21.30
CA LEU B 29 -10.17 -22.56 21.19
C LEU B 29 -10.24 -22.16 19.73
N LEU B 30 -11.20 -21.27 19.42
CA LEU B 30 -11.30 -20.71 18.06
C LEU B 30 -11.04 -19.22 18.20
N LEU B 31 -9.98 -18.70 17.55
CA LEU B 31 -9.56 -17.30 17.70
C LEU B 31 -9.71 -16.53 16.39
N HIS B 32 -10.63 -15.57 16.41
CA HIS B 32 -10.92 -14.70 15.22
C HIS B 32 -9.80 -13.72 14.92
N GLY B 33 -9.98 -12.95 13.83
CA GLY B 33 -9.15 -11.83 13.55
C GLY B 33 -9.92 -10.58 13.14
N PHE B 34 -9.35 -9.77 12.26
CA PHE B 34 -9.96 -8.49 11.88
C PHE B 34 -10.75 -8.57 10.58
N PRO B 35 -11.96 -7.99 10.49
CA PRO B 35 -12.69 -7.23 11.50
C PRO B 35 -13.80 -8.09 12.04
N ASP B 36 -13.44 -9.22 12.62
CA ASP B 36 -14.40 -10.16 13.11
C ASP B 36 -14.53 -10.10 14.64
N PHE B 37 -15.05 -11.18 15.20
CA PHE B 37 -15.21 -11.40 16.65
C PHE B 37 -15.66 -12.83 16.74
N TRP B 38 -16.14 -13.29 17.92
CA TRP B 38 -16.46 -14.72 18.01
C TRP B 38 -17.37 -15.23 16.91
N TYR B 39 -18.27 -14.34 16.46
CA TYR B 39 -19.34 -14.74 15.53
C TYR B 39 -18.84 -15.22 14.20
N VAL B 40 -17.58 -14.95 13.81
CA VAL B 40 -17.05 -15.49 12.57
C VAL B 40 -17.06 -17.03 12.60
N TRP B 41 -17.08 -17.60 13.82
CA TRP B 41 -17.05 -19.04 13.99
C TRP B 41 -18.41 -19.68 14.08
N ARG B 42 -19.45 -18.90 13.78
CA ARG B 42 -20.84 -19.35 13.93
C ARG B 42 -21.15 -20.72 13.34
N PHE B 43 -20.51 -21.09 12.22
CA PHE B 43 -20.76 -22.40 11.61
C PHE B 43 -20.00 -23.53 12.31
N GLN B 44 -18.82 -23.22 12.79
CA GLN B 44 -17.95 -24.25 13.35
C GLN B 44 -18.25 -24.56 14.77
N ILE B 45 -18.74 -23.59 15.52
CA ILE B 45 -18.97 -23.79 16.97
C ILE B 45 -19.93 -24.97 17.21
N PRO B 46 -21.15 -24.96 16.60
CA PRO B 46 -22.05 -26.12 16.90
C PRO B 46 -21.53 -27.44 16.37
N ALA B 47 -20.85 -27.44 15.24
CA ALA B 47 -20.32 -28.66 14.66
C ALA B 47 -19.20 -29.25 15.52
N LEU B 48 -18.23 -28.41 15.90
CA LEU B 48 -17.11 -28.88 16.70
C LEU B 48 -17.56 -29.22 18.12
N ALA B 49 -18.63 -28.58 18.57
CA ALA B 49 -19.17 -28.78 19.93
C ALA B 49 -19.78 -30.15 20.09
N LYS B 50 -19.93 -30.89 18.98
CA LYS B 50 -20.51 -32.23 19.05
CA LYS B 50 -20.49 -32.25 19.02
C LYS B 50 -19.53 -33.19 19.70
N HIS B 51 -18.22 -32.89 19.62
CA HIS B 51 -17.16 -33.76 20.11
C HIS B 51 -16.14 -33.09 21.04
N PHE B 52 -16.17 -31.76 21.17
CA PHE B 52 -15.19 -30.97 21.93
C PHE B 52 -15.83 -29.88 22.78
N ARG B 53 -15.11 -29.37 23.78
CA ARG B 53 -15.53 -28.16 24.51
C ARG B 53 -14.98 -26.97 23.71
N VAL B 54 -15.87 -26.35 22.93
CA VAL B 54 -15.48 -25.21 22.06
C VAL B 54 -15.59 -23.92 22.84
N VAL B 55 -14.52 -23.10 22.79
CA VAL B 55 -14.55 -21.74 23.36
C VAL B 55 -14.09 -20.78 22.26
N ALA B 56 -14.93 -19.79 21.96
CA ALA B 56 -14.57 -18.76 20.97
C ALA B 56 -14.61 -17.40 21.67
N PRO B 57 -13.45 -16.83 22.05
CA PRO B 57 -13.42 -15.54 22.73
C PRO B 57 -13.44 -14.39 21.78
N ASP B 58 -13.84 -13.23 22.27
CA ASP B 58 -13.46 -11.95 21.65
C ASP B 58 -12.09 -11.59 22.14
N LEU B 59 -11.18 -11.33 21.20
CA LEU B 59 -9.82 -10.91 21.58
C LEU B 59 -9.83 -9.54 22.24
N ARG B 60 -8.71 -9.24 22.91
CA ARG B 60 -8.52 -7.94 23.53
C ARG B 60 -8.89 -6.85 22.54
N GLY B 61 -9.71 -5.91 22.97
CA GLY B 61 -10.16 -4.80 22.12
C GLY B 61 -11.44 -5.01 21.33
N TYR B 62 -11.93 -6.24 21.25
CA TYR B 62 -13.05 -6.54 20.38
C TYR B 62 -14.35 -6.79 21.11
N ASN B 63 -15.42 -6.37 20.47
CA ASN B 63 -16.82 -6.72 20.87
C ASN B 63 -17.04 -6.56 22.40
N GLU B 64 -17.24 -7.69 23.12
CA GLU B 64 -17.54 -7.62 24.56
C GLU B 64 -16.37 -7.78 25.51
N THR B 65 -15.17 -7.97 24.97
CA THR B 65 -13.96 -8.01 25.78
C THR B 65 -13.46 -6.61 26.10
N ASP B 66 -12.70 -6.51 27.20
CA ASP B 66 -12.14 -5.23 27.60
C ASP B 66 -11.20 -4.65 26.52
N LYS B 67 -11.02 -3.35 26.57
CA LYS B 67 -10.40 -2.56 25.52
C LYS B 67 -9.46 -1.54 26.16
N PRO B 68 -8.31 -2.02 26.63
CA PRO B 68 -7.35 -1.05 27.22
C PRO B 68 -6.94 0.03 26.22
N GLU B 69 -6.71 1.24 26.70
CA GLU B 69 -6.28 2.35 25.85
CA GLU B 69 -6.29 2.35 25.81
C GLU B 69 -4.78 2.24 25.55
N GLY B 70 -4.38 2.62 24.35
CA GLY B 70 -2.98 2.75 24.01
C GLY B 70 -2.45 1.63 23.12
N VAL B 71 -1.70 2.04 22.10
CA VAL B 71 -1.13 1.11 21.12
CA VAL B 71 -1.12 1.12 21.11
C VAL B 71 -0.30 0.00 21.78
N GLU B 72 0.49 0.36 22.80
CA GLU B 72 1.36 -0.55 23.49
C GLU B 72 0.64 -1.77 24.14
N ASN B 73 -0.65 -1.60 24.41
CA ASN B 73 -1.45 -2.66 25.02
C ASN B 73 -1.89 -3.72 24.01
N TYR B 74 -1.48 -3.57 22.75
CA TYR B 74 -1.86 -4.50 21.69
C TYR B 74 -0.67 -5.21 21.08
N ARG B 75 0.51 -5.16 21.73
CA ARG B 75 1.66 -5.95 21.28
CA ARG B 75 1.66 -5.96 21.28
C ARG B 75 1.32 -7.43 21.33
N LEU B 76 1.85 -8.18 20.38
CA LEU B 76 1.61 -9.61 20.25
CA LEU B 76 1.57 -9.60 20.27
C LEU B 76 1.91 -10.41 21.52
N ASP B 77 2.98 -10.03 22.23
CA ASP B 77 3.33 -10.73 23.45
CA ASP B 77 3.30 -10.79 23.41
C ASP B 77 2.17 -10.71 24.44
N LEU B 78 1.54 -9.55 24.61
CA LEU B 78 0.43 -9.40 25.55
C LEU B 78 -0.81 -10.15 25.05
N LEU B 79 -1.05 -10.14 23.74
CA LEU B 79 -2.22 -10.82 23.19
C LEU B 79 -2.07 -12.33 23.37
N ALA B 80 -0.85 -12.86 23.16
CA ALA B 80 -0.64 -14.28 23.41
C ALA B 80 -0.76 -14.62 24.90
N LYS B 81 -0.31 -13.72 25.77
CA LYS B 81 -0.48 -13.94 27.23
C LYS B 81 -1.93 -13.94 27.64
N ASP B 82 -2.81 -13.19 26.94
CA ASP B 82 -4.25 -13.28 27.20
C ASP B 82 -4.73 -14.70 26.93
N ILE B 83 -4.29 -15.32 25.84
CA ILE B 83 -4.77 -16.65 25.53
C ILE B 83 -4.16 -17.70 26.48
N LEU B 84 -2.89 -17.54 26.82
CA LEU B 84 -2.28 -18.42 27.81
C LEU B 84 -3.10 -18.38 29.12
N GLY B 85 -3.47 -17.16 29.51
CA GLY B 85 -4.27 -16.95 30.71
C GLY B 85 -5.66 -17.51 30.58
N LEU B 86 -6.25 -17.46 29.39
CA LEU B 86 -7.56 -17.99 29.17
C LEU B 86 -7.56 -19.49 29.33
N ILE B 87 -6.55 -20.18 28.79
CA ILE B 87 -6.50 -21.64 28.95
C ILE B 87 -6.44 -22.02 30.45
N LYS B 88 -5.60 -21.30 31.20
CA LYS B 88 -5.51 -21.55 32.65
C LYS B 88 -6.85 -21.29 33.33
N ALA B 89 -7.48 -20.17 32.97
CA ALA B 89 -8.73 -19.76 33.63
C ALA B 89 -9.86 -20.73 33.34
N LEU B 90 -9.79 -21.47 32.24
CA LEU B 90 -10.78 -22.45 31.86
C LEU B 90 -10.51 -23.83 32.46
N GLY B 91 -9.45 -23.93 33.27
CA GLY B 91 -9.14 -25.19 33.96
C GLY B 91 -8.44 -26.30 33.19
N GLU B 92 -7.74 -25.91 32.13
CA GLU B 92 -6.94 -26.90 31.39
C GLU B 92 -5.47 -26.56 31.40
N GLU B 93 -4.66 -27.61 31.26
CA GLU B 93 -3.22 -27.48 31.11
CA GLU B 93 -3.22 -27.48 31.11
C GLU B 93 -2.87 -27.08 29.66
N HIS B 94 -3.71 -27.53 28.74
CA HIS B 94 -3.49 -27.21 27.33
C HIS B 94 -4.82 -27.25 26.58
N ALA B 95 -4.76 -26.71 25.37
CA ALA B 95 -5.91 -26.66 24.49
C ALA B 95 -5.48 -26.96 23.06
N VAL B 96 -6.43 -27.38 22.24
CA VAL B 96 -6.22 -27.32 20.80
C VAL B 96 -6.52 -25.85 20.44
N VAL B 97 -5.63 -25.21 19.68
CA VAL B 97 -5.80 -23.76 19.41
C VAL B 97 -5.90 -23.58 17.91
N VAL B 98 -7.04 -23.03 17.48
CA VAL B 98 -7.33 -22.76 16.07
C VAL B 98 -7.38 -21.24 15.92
N GLY B 99 -6.55 -20.68 15.04
CA GLY B 99 -6.58 -19.21 14.89
C GLY B 99 -6.63 -18.81 13.42
N HIS B 100 -7.48 -17.82 13.15
CA HIS B 100 -7.62 -17.25 11.82
C HIS B 100 -7.10 -15.80 11.86
N ASP B 101 -6.35 -15.37 10.82
CA ASP B 101 -5.99 -13.96 10.70
C ASP B 101 -5.21 -13.55 11.98
N TRP B 102 -5.54 -12.42 12.62
CA TRP B 102 -4.77 -12.06 13.83
C TRP B 102 -4.82 -13.16 14.89
N GLY B 103 -5.95 -13.87 14.98
CA GLY B 103 -6.02 -14.98 15.93
C GLY B 103 -4.99 -16.04 15.62
N GLY B 104 -4.72 -16.25 14.32
CA GLY B 104 -3.64 -17.17 13.93
C GLY B 104 -2.27 -16.62 14.23
N ILE B 105 -2.01 -15.33 14.02
CA ILE B 105 -0.71 -14.75 14.38
C ILE B 105 -0.48 -14.92 15.89
N ILE B 106 -1.51 -14.65 16.69
CA ILE B 106 -1.44 -14.86 18.14
C ILE B 106 -1.17 -16.34 18.45
N SER B 107 -1.83 -17.24 17.73
CA SER B 107 -1.66 -18.69 17.93
C SER B 107 -0.25 -19.15 17.62
N TRP B 108 0.34 -18.66 16.52
CA TRP B 108 1.75 -19.00 16.24
C TRP B 108 2.64 -18.56 17.42
N THR B 109 2.37 -17.38 17.96
CA THR B 109 3.17 -16.79 19.03
C THR B 109 2.98 -17.54 20.33
N LEU B 110 1.73 -17.81 20.69
CA LEU B 110 1.43 -18.60 21.88
C LEU B 110 2.14 -19.95 21.79
N THR B 111 2.04 -20.62 20.65
CA THR B 111 2.56 -21.97 20.53
C THR B 111 4.08 -21.98 20.59
N ALA B 112 4.71 -20.99 19.96
CA ALA B 112 6.18 -20.91 19.97
C ALA B 112 6.75 -20.73 21.34
N PHE B 113 6.17 -19.82 22.12
CA PHE B 113 6.74 -19.48 23.40
C PHE B 113 6.21 -20.34 24.53
N ASN B 114 5.04 -20.96 24.33
CA ASN B 114 4.37 -21.73 25.37
C ASN B 114 3.82 -23.05 24.83
N PRO B 115 4.70 -23.93 24.31
CA PRO B 115 4.21 -25.19 23.72
C PRO B 115 3.46 -26.07 24.73
N GLN B 116 3.78 -25.93 26.05
CA GLN B 116 3.12 -26.75 27.05
C GLN B 116 1.61 -26.48 27.08
N ALA B 117 1.18 -25.28 26.60
CA ALA B 117 -0.25 -24.92 26.64
C ALA B 117 -1.00 -25.29 25.42
N VAL B 118 -0.33 -25.79 24.38
CA VAL B 118 -1.00 -26.04 23.10
C VAL B 118 -0.86 -27.51 22.75
N GLU B 119 -1.96 -28.25 22.72
CA GLU B 119 -1.91 -29.68 22.38
C GLU B 119 -1.61 -29.85 20.90
N LYS B 120 -2.36 -29.12 20.06
CA LYS B 120 -2.14 -29.08 18.62
CA LYS B 120 -2.19 -29.12 18.59
C LYS B 120 -2.52 -27.69 18.15
N LEU B 121 -1.90 -27.25 17.05
CA LEU B 121 -2.12 -25.91 16.50
C LEU B 121 -2.76 -26.00 15.14
N VAL B 122 -3.81 -25.22 14.90
CA VAL B 122 -4.43 -25.09 13.59
C VAL B 122 -4.42 -23.60 13.22
N ILE B 123 -3.94 -23.34 12.01
CA ILE B 123 -3.84 -21.97 11.49
C ILE B 123 -4.68 -21.86 10.24
N LEU B 124 -5.53 -20.84 10.16
CA LEU B 124 -6.27 -20.51 8.94
CA LEU B 124 -6.27 -20.52 8.93
C LEU B 124 -5.83 -19.15 8.43
N ASN B 125 -5.24 -19.11 7.24
CA ASN B 125 -4.92 -17.83 6.58
C ASN B 125 -4.29 -16.79 7.51
N ALA B 126 -3.20 -17.20 8.15
CA ALA B 126 -2.43 -16.34 9.06
C ALA B 126 -0.97 -16.61 8.86
N PRO B 127 -0.22 -15.59 8.46
CA PRO B 127 1.22 -15.80 8.27
C PRO B 127 1.96 -15.95 9.59
N HIS B 128 2.99 -16.79 9.56
CA HIS B 128 3.91 -16.90 10.67
C HIS B 128 4.63 -15.56 10.83
N PRO B 129 4.77 -15.04 12.09
CA PRO B 129 5.40 -13.72 12.27
C PRO B 129 6.76 -13.56 11.63
N LYS B 130 7.60 -14.60 11.74
CA LYS B 130 8.91 -14.55 11.12
C LYS B 130 8.81 -14.51 9.58
N ALA B 131 7.86 -15.23 8.99
CA ALA B 131 7.62 -15.18 7.53
C ALA B 131 7.20 -13.78 7.09
N TYR B 132 6.20 -13.18 7.76
CA TYR B 132 5.78 -11.84 7.34
CA TYR B 132 5.82 -11.85 7.33
C TYR B 132 6.91 -10.84 7.51
N MET B 133 7.63 -10.92 8.63
CA MET B 133 8.71 -9.97 8.91
CA MET B 133 8.71 -9.96 8.91
C MET B 133 9.87 -10.06 7.95
N THR B 134 10.23 -11.28 7.56
CA THR B 134 11.38 -11.50 6.69
C THR B 134 11.00 -11.22 5.24
N ARG B 135 9.82 -11.69 4.83
CA ARG B 135 9.53 -11.80 3.40
C ARG B 135 8.83 -10.59 2.78
N THR B 136 8.03 -9.84 3.58
CA THR B 136 7.16 -8.82 3.02
C THR B 136 7.92 -7.78 2.22
N LYS B 137 9.04 -7.30 2.74
CA LYS B 137 9.84 -6.28 2.05
C LYS B 137 10.30 -6.69 0.66
N ASN B 138 10.40 -8.00 0.43
CA ASN B 138 10.83 -8.51 -0.88
C ASN B 138 9.72 -9.06 -1.74
N SER B 139 8.47 -8.79 -1.35
CA SER B 139 7.34 -9.23 -2.10
C SER B 139 6.49 -8.01 -2.45
N LEU B 140 6.66 -7.50 -3.67
CA LEU B 140 5.82 -6.39 -4.11
C LEU B 140 4.32 -6.77 -4.03
N ARG B 141 3.97 -8.01 -4.36
CA ARG B 141 2.56 -8.43 -4.27
CA ARG B 141 2.58 -8.44 -4.29
C ARG B 141 2.05 -8.36 -2.84
N GLN B 142 2.86 -8.77 -1.86
CA GLN B 142 2.41 -8.65 -0.46
C GLN B 142 2.34 -7.18 -0.05
N LEU B 143 3.32 -6.36 -0.41
CA LEU B 143 3.25 -4.93 -0.06
C LEU B 143 1.98 -4.29 -0.60
N GLN B 144 1.64 -4.58 -1.85
CA GLN B 144 0.38 -4.08 -2.46
C GLN B 144 -0.83 -4.61 -1.71
N LYS B 145 -0.89 -5.92 -1.44
CA LYS B 145 -2.02 -6.47 -0.68
C LYS B 145 -2.12 -5.82 0.70
N SER B 146 -1.00 -5.41 1.27
CA SER B 146 -0.98 -4.81 2.60
C SER B 146 -1.10 -3.29 2.56
N TRP B 147 -1.62 -2.70 1.47
CA TRP B 147 -1.78 -1.23 1.44
C TRP B 147 -2.50 -0.73 2.70
N TYR B 148 -3.50 -1.49 3.13
CA TYR B 148 -4.38 -0.98 4.19
C TYR B 148 -3.63 -1.09 5.55
N VAL B 149 -2.66 -1.98 5.67
CA VAL B 149 -1.82 -2.03 6.87
C VAL B 149 -1.08 -0.69 7.06
N PHE B 150 -0.55 -0.15 5.95
CA PHE B 150 0.07 1.16 5.99
C PHE B 150 -0.93 2.27 6.27
N PHE B 151 -2.11 2.20 5.63
CA PHE B 151 -3.19 3.18 5.92
C PHE B 151 -3.50 3.19 7.42
N PHE B 152 -3.64 1.99 8.01
CA PHE B 152 -4.06 1.90 9.41
C PHE B 152 -3.03 2.44 10.38
N GLN B 153 -1.80 2.72 9.94
CA GLN B 153 -0.78 3.30 10.84
C GLN B 153 -1.13 4.72 11.29
N VAL B 154 -1.78 5.47 10.42
CA VAL B 154 -2.10 6.87 10.69
C VAL B 154 -3.14 6.96 11.83
N ALA B 155 -2.93 7.91 12.75
CA ALA B 155 -3.93 8.22 13.79
C ALA B 155 -5.22 8.77 13.23
N ASN B 156 -6.34 8.35 13.84
CA ASN B 156 -7.66 8.96 13.69
C ASN B 156 -8.40 8.81 12.38
N ILE B 157 -7.68 9.01 11.27
CA ILE B 157 -8.29 9.00 9.96
C ILE B 157 -8.87 7.62 9.62
N PRO B 158 -8.10 6.51 9.90
CA PRO B 158 -8.70 5.24 9.55
C PRO B 158 -9.98 4.92 10.31
N GLU B 159 -10.03 5.28 11.59
CA GLU B 159 -11.26 5.11 12.38
C GLU B 159 -12.46 5.82 11.71
N LYS B 160 -12.20 7.05 11.27
CA LYS B 160 -13.23 7.87 10.61
CA LYS B 160 -13.24 7.86 10.61
C LYS B 160 -13.69 7.24 9.29
N ILE B 161 -12.72 6.87 8.45
CA ILE B 161 -13.05 6.31 7.16
C ILE B 161 -13.74 4.95 7.26
N LEU B 162 -13.26 4.11 8.18
CA LEU B 162 -13.85 2.80 8.30
C LEU B 162 -15.29 2.81 8.85
N SER B 163 -15.55 3.79 9.72
CA SER B 163 -16.86 3.89 10.39
CA SER B 163 -16.85 3.95 10.41
C SER B 163 -17.91 4.64 9.59
N ARG B 164 -17.47 5.51 8.68
CA ARG B 164 -18.43 6.33 7.91
C ARG B 164 -19.49 5.52 7.16
N ASN B 165 -20.70 6.08 7.04
CA ASN B 165 -21.82 5.46 6.31
CA ASN B 165 -21.80 5.46 6.31
C ASN B 165 -22.07 4.02 6.79
N GLU B 166 -22.31 3.90 8.09
CA GLU B 166 -22.53 2.61 8.75
C GLU B 166 -21.49 1.56 8.35
N PHE B 167 -20.22 1.93 8.50
CA PHE B 167 -19.10 1.01 8.24
C PHE B 167 -19.04 0.46 6.82
N ALA B 168 -19.41 1.32 5.85
CA ALA B 168 -19.41 0.91 4.44
C ALA B 168 -18.08 0.31 3.98
N PHE B 169 -16.94 0.91 4.38
CA PHE B 169 -15.58 0.38 4.09
C PHE B 169 -15.37 -1.03 4.55
N LEU B 170 -15.67 -1.30 5.81
CA LEU B 170 -15.48 -2.63 6.38
C LEU B 170 -16.33 -3.69 5.72
N LYS B 171 -17.59 -3.32 5.42
CA LYS B 171 -18.50 -4.20 4.70
C LYS B 171 -17.92 -4.54 3.34
N ASN B 172 -17.41 -3.51 2.67
CA ASN B 172 -16.78 -3.65 1.35
CA ASN B 172 -16.79 -3.63 1.36
C ASN B 172 -15.54 -4.51 1.41
N MET B 173 -14.68 -4.28 2.41
CA MET B 173 -13.43 -5.05 2.60
C MET B 173 -13.71 -6.52 2.66
N LEU B 174 -14.73 -6.89 3.48
CA LEU B 174 -15.18 -8.27 3.60
C LEU B 174 -15.64 -8.82 2.25
N ILE B 175 -16.65 -8.16 1.65
CA ILE B 175 -17.21 -8.55 0.35
C ILE B 175 -16.14 -8.77 -0.74
N GLN B 176 -15.21 -7.82 -0.85
CA GLN B 176 -14.13 -7.90 -1.84
C GLN B 176 -13.19 -9.09 -1.60
N SER B 177 -13.23 -9.61 -0.37
CA SER B 177 -12.38 -10.74 0.02
C SER B 177 -13.04 -12.07 -0.16
N PHE B 178 -14.37 -12.09 -0.26
CA PHE B 178 -15.12 -13.33 -0.39
C PHE B 178 -15.09 -13.83 -1.85
N VAL B 179 -15.10 -15.16 -2.03
CA VAL B 179 -15.10 -15.72 -3.39
C VAL B 179 -16.50 -15.90 -4.02
N ARG B 180 -17.56 -15.75 -3.23
CA ARG B 180 -18.88 -15.33 -3.74
C ARG B 180 -19.28 -14.14 -2.85
N ARG B 181 -19.74 -13.05 -3.45
CA ARG B 181 -19.81 -11.76 -2.76
C ARG B 181 -21.11 -11.53 -1.95
N ASP B 182 -21.97 -12.56 -1.92
CA ASP B 182 -23.15 -12.58 -1.05
C ASP B 182 -23.04 -13.48 0.20
N LEU B 183 -21.82 -13.70 0.67
CA LEU B 183 -21.56 -14.70 1.68
C LEU B 183 -22.15 -14.37 3.06
N LEU B 184 -22.38 -13.08 3.32
CA LEU B 184 -22.99 -12.62 4.56
C LEU B 184 -24.41 -12.13 4.36
N THR B 185 -25.27 -12.44 5.33
CA THR B 185 -26.68 -12.09 5.19
C THR B 185 -26.89 -10.74 5.86
N GLU B 186 -28.04 -10.12 5.59
CA GLU B 186 -28.38 -8.89 6.26
C GLU B 186 -28.42 -9.06 7.78
N GLU B 187 -28.91 -10.20 8.26
CA GLU B 187 -28.89 -10.52 9.69
CA GLU B 187 -28.89 -10.48 9.70
C GLU B 187 -27.45 -10.53 10.22
N ASP B 188 -26.55 -11.20 9.49
CA ASP B 188 -25.10 -11.20 9.85
C ASP B 188 -24.58 -9.79 9.95
N LEU B 189 -24.89 -8.97 8.92
CA LEU B 189 -24.36 -7.60 8.88
C LEU B 189 -24.85 -6.73 10.05
N ARG B 190 -26.09 -6.91 10.50
CA ARG B 190 -26.59 -6.19 11.66
CA ARG B 190 -26.62 -6.20 11.67
C ARG B 190 -25.77 -6.56 12.89
N ILE B 191 -25.51 -7.86 13.04
CA ILE B 191 -24.73 -8.36 14.17
CA ILE B 191 -24.70 -8.41 14.14
C ILE B 191 -23.27 -7.84 14.10
N TYR B 192 -22.68 -7.85 12.90
CA TYR B 192 -21.35 -7.28 12.73
C TYR B 192 -21.31 -5.80 13.09
N VAL B 193 -22.27 -5.02 12.61
CA VAL B 193 -22.30 -3.59 12.93
C VAL B 193 -22.41 -3.33 14.43
N ASP B 194 -23.22 -4.12 15.14
CA ASP B 194 -23.30 -4.02 16.59
C ASP B 194 -21.93 -4.21 17.25
N ALA B 195 -21.17 -5.20 16.81
CA ALA B 195 -19.84 -5.43 17.39
C ALA B 195 -18.87 -4.33 16.99
N TRP B 196 -18.96 -3.88 15.74
CA TRP B 196 -18.07 -2.83 15.29
C TRP B 196 -18.29 -1.50 16.01
N SER B 197 -19.53 -1.29 16.46
CA SER B 197 -19.97 -0.03 17.05
CA SER B 197 -19.90 0.00 17.04
C SER B 197 -19.69 0.05 18.56
N LYS B 198 -19.18 -1.02 19.15
CA LYS B 198 -18.85 -1.02 20.59
C LYS B 198 -17.81 0.06 20.85
N SER B 199 -18.01 0.86 21.90
CA SER B 199 -17.14 1.99 22.17
C SER B 199 -15.67 1.53 22.30
N GLY B 200 -14.81 2.15 21.50
CA GLY B 200 -13.39 1.89 21.50
C GLY B 200 -12.94 0.66 20.67
N ALA B 201 -13.89 -0.10 20.16
CA ALA B 201 -13.54 -1.38 19.48
C ALA B 201 -12.71 -1.14 18.20
N LEU B 202 -13.09 -0.16 17.40
CA LEU B 202 -12.37 0.04 16.13
C LEU B 202 -10.96 0.52 16.38
N THR B 203 -10.75 1.50 17.25
CA THR B 203 -9.41 1.93 17.56
C THR B 203 -8.55 0.79 18.13
N SER B 204 -9.11 -0.02 19.04
CA SER B 204 -8.34 -1.10 19.62
C SER B 204 -7.96 -2.12 18.53
N ALA B 205 -8.88 -2.44 17.63
CA ALA B 205 -8.58 -3.40 16.53
C ALA B 205 -7.48 -2.84 15.67
N LEU B 206 -7.56 -1.54 15.32
CA LEU B 206 -6.50 -0.94 14.50
CA LEU B 206 -6.52 -0.93 14.48
C LEU B 206 -5.17 -0.89 15.21
N ASN B 207 -5.19 -0.79 16.55
CA ASN B 207 -3.95 -0.83 17.30
C ASN B 207 -3.14 -2.11 17.11
N TYR B 208 -3.78 -3.22 16.73
CA TYR B 208 -2.97 -4.42 16.44
C TYR B 208 -1.96 -4.15 15.31
N TYR B 209 -2.41 -3.40 14.30
CA TYR B 209 -1.57 -3.08 13.14
C TYR B 209 -0.51 -2.07 13.52
N ARG B 210 -0.89 -1.07 14.34
CA ARG B 210 0.06 -0.04 14.78
C ARG B 210 1.13 -0.65 15.69
N ALA B 211 0.76 -1.62 16.53
CA ALA B 211 1.74 -2.19 17.45
C ALA B 211 2.65 -3.22 16.81
N ASN B 212 2.13 -3.99 15.85
CA ASN B 212 2.79 -5.19 15.40
C ASN B 212 3.16 -5.23 13.90
N LEU B 213 2.61 -4.29 13.13
CA LEU B 213 2.87 -4.25 11.67
C LEU B 213 3.20 -2.87 11.20
N ASN B 214 3.83 -2.10 12.07
CA ASN B 214 4.30 -0.78 11.70
C ASN B 214 5.51 -0.91 10.75
N PRO B 215 5.87 0.19 10.09
CA PRO B 215 6.90 0.05 9.01
C PRO B 215 8.25 -0.39 9.52
N ASP B 216 8.60 -0.08 10.77
CA ASP B 216 9.86 -0.60 11.32
C ASP B 216 9.87 -2.11 11.36
N ILE B 217 8.74 -2.70 11.72
CA ILE B 217 8.63 -4.16 11.74
C ILE B 217 8.63 -4.72 10.34
N ILE B 218 7.83 -4.14 9.45
CA ILE B 218 7.75 -4.68 8.08
C ILE B 218 9.10 -4.58 7.39
N PHE B 219 9.77 -3.46 7.53
CA PHE B 219 11.00 -3.24 6.73
C PHE B 219 12.26 -3.41 7.54
N SER B 220 12.16 -4.10 8.67
CA SER B 220 13.36 -4.45 9.47
C SER B 220 14.41 -5.15 8.63
N GLU B 221 15.63 -4.65 8.77
CA GLU B 221 16.77 -5.13 8.01
CA GLU B 221 16.73 -5.15 7.97
C GLU B 221 17.13 -6.55 8.45
N LYS B 222 16.93 -6.79 9.74
CA LYS B 222 17.36 -8.05 10.36
C LYS B 222 16.18 -8.93 10.66
N THR B 223 16.40 -10.25 10.66
CA THR B 223 15.40 -11.23 11.02
CA THR B 223 15.32 -11.16 11.02
C THR B 223 15.16 -11.24 12.53
N VAL B 224 14.00 -11.72 12.95
CA VAL B 224 13.65 -11.84 14.36
CA VAL B 224 13.68 -11.85 14.37
C VAL B 224 14.05 -13.23 14.90
N VAL B 225 14.19 -13.34 16.21
CA VAL B 225 14.35 -14.64 16.85
C VAL B 225 12.94 -15.07 17.21
N PHE B 226 12.63 -16.30 16.87
CA PHE B 226 11.30 -16.83 17.16
C PHE B 226 11.45 -18.34 17.37
N PRO B 227 11.03 -18.86 18.54
CA PRO B 227 11.25 -20.29 18.83
C PRO B 227 10.56 -21.20 17.82
N LYS B 228 11.13 -22.38 17.62
CA LYS B 228 10.49 -23.35 16.74
C LYS B 228 9.18 -23.80 17.36
N ILE B 229 8.22 -24.09 16.49
CA ILE B 229 6.97 -24.72 16.92
C ILE B 229 7.24 -26.21 17.19
N LYS B 230 6.87 -26.66 18.39
CA LYS B 230 7.16 -28.05 18.82
C LYS B 230 5.90 -28.90 18.99
N VAL B 231 4.79 -28.46 18.44
CA VAL B 231 3.55 -29.21 18.50
C VAL B 231 3.01 -29.46 17.10
N PRO B 232 2.24 -30.56 16.93
CA PRO B 232 1.71 -30.85 15.62
C PRO B 232 0.87 -29.68 15.11
N THR B 233 1.05 -29.33 13.85
CA THR B 233 0.47 -28.12 13.27
C THR B 233 -0.23 -28.42 11.97
N LEU B 234 -1.42 -27.88 11.80
CA LEU B 234 -2.19 -27.97 10.57
C LEU B 234 -2.40 -26.57 10.06
N VAL B 235 -2.04 -26.33 8.81
CA VAL B 235 -2.40 -25.06 8.16
C VAL B 235 -3.49 -25.26 7.14
N ILE B 236 -4.54 -24.46 7.18
CA ILE B 236 -5.60 -24.43 6.18
C ILE B 236 -5.48 -23.11 5.47
N TRP B 237 -5.38 -23.14 4.13
CA TRP B 237 -4.99 -21.94 3.41
C TRP B 237 -5.85 -21.72 2.17
N GLY B 238 -6.71 -20.71 2.21
CA GLY B 238 -7.49 -20.29 1.03
C GLY B 238 -6.55 -19.51 0.13
N GLU B 239 -6.29 -19.99 -1.10
CA GLU B 239 -5.26 -19.39 -1.95
C GLU B 239 -5.61 -18.03 -2.59
N LYS B 240 -6.89 -17.76 -2.75
CA LYS B 240 -7.35 -16.50 -3.35
C LYS B 240 -7.54 -15.40 -2.28
N ASP B 241 -6.61 -15.40 -1.32
CA ASP B 241 -6.63 -14.46 -0.22
C ASP B 241 -6.22 -13.06 -0.74
N VAL B 242 -7.11 -12.11 -0.65
CA VAL B 242 -6.87 -10.71 -1.12
CA VAL B 242 -6.75 -10.77 -1.17
C VAL B 242 -5.85 -9.96 -0.23
N ALA B 243 -5.65 -10.45 1.00
CA ALA B 243 -4.79 -9.79 1.97
C ALA B 243 -3.40 -10.41 2.12
N ILE B 244 -3.25 -11.68 1.77
CA ILE B 244 -2.00 -12.43 2.02
C ILE B 244 -1.57 -13.15 0.76
N SER B 245 -0.35 -12.90 0.33
CA SER B 245 0.25 -13.61 -0.78
C SER B 245 0.67 -15.02 -0.35
N LYS B 246 0.49 -15.97 -1.27
CA LYS B 246 1.05 -17.31 -1.09
C LYS B 246 2.57 -17.33 -0.77
N ASP B 247 3.30 -16.30 -1.21
CA ASP B 247 4.72 -16.04 -0.83
C ASP B 247 4.95 -16.18 0.68
N LEU B 248 3.92 -15.86 1.47
CA LEU B 248 4.09 -15.85 2.90
C LEU B 248 3.80 -17.19 3.60
N ILE B 249 3.24 -18.17 2.88
CA ILE B 249 2.94 -19.46 3.54
C ILE B 249 3.82 -20.60 3.07
N VAL B 250 4.62 -20.36 2.05
CA VAL B 250 5.57 -21.38 1.61
C VAL B 250 6.58 -21.74 2.71
N ASN B 251 6.89 -23.04 2.80
CA ASN B 251 7.85 -23.51 3.74
CA ASN B 251 7.85 -23.58 3.77
C ASN B 251 7.67 -23.12 5.21
N MET B 252 6.63 -23.63 5.86
CA MET B 252 6.50 -23.41 7.31
C MET B 252 7.30 -24.39 8.13
N GLU B 253 7.70 -25.52 7.51
CA GLU B 253 8.49 -26.55 8.17
C GLU B 253 9.81 -26.10 8.74
N ASP B 254 10.45 -25.09 8.13
CA ASP B 254 11.63 -24.53 8.74
C ASP B 254 11.35 -23.97 10.13
N PHE B 255 10.11 -23.53 10.36
CA PHE B 255 9.69 -22.96 11.62
C PHE B 255 9.10 -23.99 12.58
N ILE B 256 8.89 -25.23 12.11
CA ILE B 256 8.16 -26.26 12.86
C ILE B 256 9.03 -27.51 13.02
N GLU B 257 9.26 -27.90 14.27
CA GLU B 257 9.97 -29.13 14.66
CA GLU B 257 9.97 -29.16 14.59
C GLU B 257 8.98 -30.12 15.21
N ALA B 258 8.06 -30.56 14.39
CA ALA B 258 6.91 -31.34 14.82
C ALA B 258 6.18 -31.69 13.54
N PRO B 259 5.24 -32.64 13.60
CA PRO B 259 4.48 -32.96 12.41
C PRO B 259 3.74 -31.74 11.88
N TYR B 260 3.72 -31.58 10.57
CA TYR B 260 3.11 -30.45 9.90
C TYR B 260 2.36 -30.90 8.68
N SER B 261 1.17 -30.36 8.51
CA SER B 261 0.34 -30.63 7.35
CA SER B 261 0.34 -30.63 7.37
C SER B 261 -0.24 -29.32 6.85
N ILE B 262 -0.31 -29.16 5.54
CA ILE B 262 -0.98 -28.02 4.93
C ILE B 262 -2.08 -28.47 3.96
N LYS B 263 -3.26 -27.87 4.11
CA LYS B 263 -4.40 -28.14 3.24
C LYS B 263 -4.69 -26.85 2.50
N TYR B 264 -4.40 -26.85 1.19
CA TYR B 264 -4.69 -25.70 0.36
C TYR B 264 -6.10 -25.78 -0.16
N PHE B 265 -6.78 -24.63 -0.19
CA PHE B 265 -8.09 -24.50 -0.81
C PHE B 265 -7.89 -23.53 -1.97
N PRO B 266 -7.64 -24.07 -3.19
CA PRO B 266 -7.27 -23.21 -4.31
C PRO B 266 -8.31 -22.20 -4.74
N GLU B 267 -9.56 -22.47 -4.44
CA GLU B 267 -10.67 -21.63 -4.86
C GLU B 267 -11.36 -20.92 -3.70
N CYS B 268 -10.69 -20.84 -2.55
CA CYS B 268 -11.21 -20.05 -1.42
C CYS B 268 -10.29 -18.90 -1.15
N GLY B 269 -10.83 -17.90 -0.46
CA GLY B 269 -10.07 -16.73 -0.07
C GLY B 269 -9.82 -16.72 1.44
N HIS B 270 -9.70 -15.49 1.93
CA HIS B 270 -9.18 -15.31 3.31
C HIS B 270 -10.11 -15.96 4.34
N TRP B 271 -11.43 -15.87 4.12
CA TRP B 271 -12.44 -16.42 5.02
C TRP B 271 -12.84 -17.84 4.65
N VAL B 272 -11.82 -18.70 4.60
CA VAL B 272 -11.98 -20.10 4.24
C VAL B 272 -13.03 -20.82 5.11
N GLN B 273 -13.11 -20.46 6.39
CA GLN B 273 -14.06 -21.12 7.28
C GLN B 273 -15.51 -20.75 7.01
N LEU B 274 -15.73 -19.65 6.28
CA LEU B 274 -17.08 -19.27 5.85
C LEU B 274 -17.42 -19.84 4.49
N GLU B 275 -16.40 -20.09 3.68
CA GLU B 275 -16.59 -20.50 2.27
C GLU B 275 -16.72 -22.00 2.09
N GLU B 276 -15.97 -22.76 2.88
CA GLU B 276 -16.09 -24.22 2.90
C GLU B 276 -16.24 -24.67 4.37
N PRO B 277 -17.37 -24.32 5.00
CA PRO B 277 -17.44 -24.59 6.44
C PRO B 277 -17.36 -26.05 6.84
N GLU B 278 -17.97 -26.94 6.05
CA GLU B 278 -17.92 -28.37 6.36
CA GLU B 278 -17.91 -28.37 6.37
C GLU B 278 -16.54 -28.99 6.13
N LEU B 279 -15.89 -28.67 5.01
CA LEU B 279 -14.55 -29.20 4.75
C LEU B 279 -13.54 -28.72 5.81
N VAL B 280 -13.66 -27.45 6.18
CA VAL B 280 -12.79 -26.89 7.25
C VAL B 280 -13.00 -27.63 8.57
N ARG B 281 -14.28 -27.82 8.93
CA ARG B 281 -14.61 -28.53 10.16
CA ARG B 281 -14.66 -28.55 10.15
C ARG B 281 -14.05 -29.96 10.12
N LYS B 282 -14.23 -30.64 8.97
CA LYS B 282 -13.77 -32.00 8.83
CA LYS B 282 -13.75 -32.00 8.75
C LYS B 282 -12.24 -32.11 8.98
N HIS B 283 -11.50 -31.17 8.39
CA HIS B 283 -10.05 -31.22 8.50
C HIS B 283 -9.61 -31.00 9.93
N ILE B 284 -10.29 -30.08 10.61
CA ILE B 284 -9.96 -29.81 12.01
C ILE B 284 -10.19 -31.05 12.90
N GLU B 285 -11.40 -31.62 12.78
CA GLU B 285 -11.77 -32.80 13.56
CA GLU B 285 -11.79 -32.80 13.55
C GLU B 285 -10.84 -33.98 13.32
N GLU B 286 -10.53 -34.24 12.05
CA GLU B 286 -9.62 -35.35 11.68
C GLU B 286 -8.23 -35.14 12.27
N PHE B 287 -7.71 -33.92 12.14
CA PHE B 287 -6.37 -33.62 12.64
C PHE B 287 -6.29 -33.78 14.14
N ILE B 288 -7.34 -33.31 14.85
CA ILE B 288 -7.35 -33.45 16.29
C ILE B 288 -7.54 -34.93 16.78
N LEU B 289 -8.46 -35.67 16.14
CA LEU B 289 -8.63 -37.07 16.51
C LEU B 289 -7.46 -37.99 16.12
N LYS B 290 -6.58 -37.51 15.25
CA LYS B 290 -5.49 -38.33 14.67
C LYS B 290 -4.63 -39.14 15.65
N SER B 291 -4.27 -38.57 16.79
CA SER B 291 -3.42 -39.24 17.79
C SER B 291 -4.20 -39.83 18.96
CL CL C . 5.80 -1.66 -25.45
C1 EDO D . 20.94 -2.58 -2.59
O1 EDO D . 21.94 -2.51 -1.57
C2 EDO D . 19.79 -3.42 -2.08
O2 EDO D . 18.62 -2.90 -2.70
C1 EDO E . -10.82 -3.29 -8.08
O1 EDO E . -9.64 -2.82 -8.74
C2 EDO E . -11.93 -2.25 -8.09
O2 EDO E . -12.44 -2.12 -6.76
CL CL F . 11.18 -16.52 6.15
CL CL G . -10.93 -24.64 -2.74
N SER H . -2.75 -8.41 8.87
CA SER H . -2.05 -9.70 8.61
C SER H . -1.22 -9.61 7.32
O SER H . -0.96 -8.50 6.85
CB SER H . -3.08 -10.82 8.54
OG SER H . -3.84 -10.83 9.74
OXT SER H . -0.77 -10.59 6.73
C1 EDO I . -25.84 -13.99 17.57
O1 EDO I . -25.42 -12.78 18.22
C2 EDO I . -27.33 -13.95 17.25
O2 EDO I . -27.60 -14.77 16.10
C1 PEG J . -13.85 0.10 -3.47
O1 PEG J . -14.11 -0.94 -4.41
C2 PEG J . -12.46 0.01 -2.84
O2 PEG J . -12.57 -0.17 -1.41
C3 PEG J . -11.46 -0.88 -0.86
C4 PEG J . -11.71 -1.33 0.58
O4 PEG J . -10.86 -2.46 0.89
#